data_8IQC
#
_entry.id   8IQC
#
_cell.length_a   128.424
_cell.length_b   43.922
_cell.length_c   87.584
_cell.angle_alpha   90.00
_cell.angle_beta   93.29
_cell.angle_gamma   90.00
#
_symmetry.space_group_name_H-M   'C 1 2 1'
#
loop_
_entity.id
_entity.type
_entity.pdbx_description
1 polymer 'Putative primase C962R'
2 non-polymer 'MANGANESE (II) ION'
3 water water
#
_entity_poly.entity_id   1
_entity_poly.type   'polypeptide(L)'
_entity_poly.pdbx_seq_one_letter_code
;GSLAEVQALETLLARELSVFLTEPGSKKTNIINRITGKTYALPSTELLRFYEHLEQCRKQGALMYFLERQGTYSGLMLDY
DLKLNTNAAPSLESSVLSRLCHRIFVHIKNSSVLPEGSHKIHFFFTLKPEAVQGKYGFHVLIPGLKMAASTKKSIIASLQ
HDATVQKILHEQGVANPESCLDPHSASVPSLLYGSSKLNHRPYQLKTGFELVFDSSDPDYIPIHQIKNIESYNLVSELSL
TNEQGSLVRPVYCA
;
_entity_poly.pdbx_strand_id   A,B
#
loop_
_chem_comp.id
_chem_comp.type
_chem_comp.name
_chem_comp.formula
MN non-polymer 'MANGANESE (II) ION' 'Mn 2'
#
# COMPACT_ATOMS: atom_id res chain seq x y z
N THR A 29 -21.12 -5.37 -15.32
CA THR A 29 -19.78 -5.05 -14.85
C THR A 29 -19.18 -6.24 -14.10
N ASN A 30 -18.06 -6.74 -14.61
CA ASN A 30 -17.36 -7.88 -14.03
C ASN A 30 -16.07 -7.43 -13.37
N ILE A 31 -15.83 -7.91 -12.15
CA ILE A 31 -14.66 -7.53 -11.36
C ILE A 31 -13.84 -8.79 -11.08
N ILE A 32 -12.52 -8.68 -11.21
CA ILE A 32 -11.58 -9.80 -10.92
C ILE A 32 -10.72 -9.45 -9.71
N ASN A 33 -10.77 -10.26 -8.65
CA ASN A 33 -9.88 -10.08 -7.48
C ASN A 33 -8.66 -10.97 -7.67
N ARG A 34 -7.58 -10.45 -8.24
CA ARG A 34 -6.43 -11.29 -8.57
C ARG A 34 -5.75 -11.90 -7.32
N ILE A 35 -6.14 -11.44 -6.13
CA ILE A 35 -5.54 -11.93 -4.87
C ILE A 35 -6.28 -13.22 -4.50
N THR A 36 -7.60 -13.16 -4.50
CA THR A 36 -8.47 -14.33 -4.15
C THR A 36 -8.79 -15.14 -5.40
N GLY A 37 -8.36 -14.69 -6.58
CA GLY A 37 -8.72 -15.34 -7.85
C GLY A 37 -10.22 -15.30 -8.15
N LYS A 38 -11.04 -14.88 -7.20
CA LYS A 38 -12.51 -14.90 -7.40
C LYS A 38 -12.96 -13.91 -8.49
N THR A 39 -14.17 -14.11 -9.03
CA THR A 39 -14.71 -13.15 -10.03
C THR A 39 -16.03 -12.63 -9.49
N TYR A 40 -16.58 -11.60 -10.11
CA TYR A 40 -17.83 -11.00 -9.65
C TYR A 40 -18.59 -10.44 -10.85
N ALA A 41 -19.86 -10.09 -10.60
CA ALA A 41 -20.71 -9.49 -11.62
C ALA A 41 -21.81 -8.72 -10.86
N LEU A 42 -21.67 -7.39 -10.76
CA LEU A 42 -22.63 -6.59 -9.93
C LEU A 42 -23.60 -5.63 -10.64
N PRO A 43 -24.75 -5.28 -9.99
CA PRO A 43 -25.66 -4.29 -10.55
C PRO A 43 -25.29 -2.87 -10.09
N SER A 44 -25.87 -1.85 -10.72
CA SER A 44 -25.54 -0.44 -10.43
C SER A 44 -25.55 -0.14 -8.91
N THR A 45 -26.70 -0.33 -8.27
CA THR A 45 -26.80 -0.07 -6.80
C THR A 45 -25.68 -0.81 -6.08
N GLU A 46 -25.51 -2.10 -6.36
CA GLU A 46 -24.48 -2.95 -5.71
C GLU A 46 -23.06 -2.41 -6.01
N LEU A 47 -22.74 -2.18 -7.28
CA LEU A 47 -21.42 -1.60 -7.66
C LEU A 47 -21.08 -0.41 -6.77
N LEU A 48 -22.00 0.55 -6.63
CA LEU A 48 -21.65 1.76 -5.86
C LEU A 48 -21.36 1.36 -4.41
N ARG A 49 -22.15 0.43 -3.86
CA ARG A 49 -21.81 -0.06 -2.54
C ARG A 49 -20.52 -0.86 -2.56
N PHE A 50 -20.29 -1.58 -3.67
CA PHE A 50 -19.00 -2.29 -3.84
C PHE A 50 -17.87 -1.26 -3.87
N TYR A 51 -18.06 -0.19 -4.65
CA TYR A 51 -17.05 0.88 -4.80
C TYR A 51 -16.96 1.71 -3.52
N GLU A 52 -18.07 1.81 -2.78
CA GLU A 52 -18.02 2.51 -1.49
C GLU A 52 -17.09 1.74 -0.55
N HIS A 53 -17.21 0.43 -0.56
CA HIS A 53 -16.36 -0.39 0.32
C HIS A 53 -14.92 -0.25 -0.14
N LEU A 54 -14.68 -0.54 -1.41
CA LEU A 54 -13.31 -0.46 -1.98
C LEU A 54 -12.69 0.93 -1.70
N GLU A 55 -13.47 2.00 -1.90
CA GLU A 55 -12.96 3.36 -1.62
C GLU A 55 -12.53 3.44 -0.15
N GLN A 56 -13.39 2.95 0.77
CA GLN A 56 -13.04 2.92 2.21
C GLN A 56 -11.72 2.17 2.40
N CYS A 57 -11.63 0.99 1.80
CA CYS A 57 -10.40 0.22 1.93
C CYS A 57 -9.20 0.98 1.37
N ARG A 58 -9.42 1.81 0.34
CA ARG A 58 -8.32 2.56 -0.24
C ARG A 58 -7.80 3.61 0.74
N LYS A 59 -8.69 4.43 1.29
CA LYS A 59 -8.29 5.46 2.23
C LYS A 59 -7.83 4.89 3.57
N GLN A 60 -7.78 3.57 3.70
CA GLN A 60 -7.21 2.91 4.87
C GLN A 60 -5.89 2.22 4.57
N GLY A 61 -5.35 2.42 3.37
CA GLY A 61 -4.06 1.85 3.01
C GLY A 61 -4.07 0.39 2.65
N ALA A 62 -5.24 -0.21 2.42
CA ALA A 62 -5.29 -1.63 2.09
C ALA A 62 -4.77 -1.87 0.69
N LEU A 63 -4.02 -2.96 0.53
CA LEU A 63 -3.53 -3.38 -0.78
C LEU A 63 -4.61 -4.20 -1.48
N MET A 64 -4.90 -3.80 -2.72
CA MET A 64 -5.99 -4.41 -3.48
C MET A 64 -5.49 -4.73 -4.90
N TYR A 65 -6.08 -5.76 -5.51
CA TYR A 65 -5.69 -6.17 -6.88
C TYR A 65 -6.98 -6.43 -7.62
N PHE A 66 -7.80 -5.39 -7.67
CA PHE A 66 -9.12 -5.50 -8.33
C PHE A 66 -9.00 -5.02 -9.77
N LEU A 67 -9.52 -5.83 -10.69
CA LEU A 67 -9.54 -5.46 -12.10
C LEU A 67 -10.96 -5.51 -12.62
N GLU A 68 -11.30 -4.58 -13.49
CA GLU A 68 -12.57 -4.59 -14.20
C GLU A 68 -12.33 -4.93 -15.66
N ARG A 69 -13.22 -5.72 -16.23
CA ARG A 69 -13.14 -6.06 -17.65
C ARG A 69 -13.81 -4.98 -18.47
N GLN A 70 -13.15 -4.56 -19.55
CA GLN A 70 -13.68 -3.46 -20.36
C GLN A 70 -14.88 -3.89 -21.19
N GLY A 71 -15.01 -5.19 -21.50
CA GLY A 71 -16.10 -5.62 -22.33
C GLY A 71 -15.93 -5.13 -23.76
N THR A 72 -17.06 -4.91 -24.43
CA THR A 72 -17.06 -4.41 -25.79
C THR A 72 -17.54 -2.97 -25.92
N TYR A 73 -18.08 -2.38 -24.84
CA TYR A 73 -18.59 -1.02 -24.90
C TYR A 73 -18.47 -0.40 -23.51
N SER A 74 -17.49 0.49 -23.39
CA SER A 74 -17.16 1.06 -22.06
C SER A 74 -16.25 2.28 -22.22
N GLY A 75 -15.80 2.79 -21.09
CA GLY A 75 -14.91 3.97 -21.12
C GLY A 75 -13.56 3.64 -21.72
N LEU A 76 -12.80 4.68 -22.02
CA LEU A 76 -11.50 4.48 -22.70
C LEU A 76 -10.35 4.65 -21.70
N MET A 77 -9.37 3.77 -21.83
CA MET A 77 -8.15 3.89 -21.00
C MET A 77 -6.93 3.78 -21.92
N LEU A 78 -5.99 4.69 -21.74
CA LEU A 78 -4.73 4.67 -22.52
C LEU A 78 -3.60 4.33 -21.53
N ASP A 79 -2.83 3.31 -21.87
CA ASP A 79 -1.77 2.81 -20.99
C ASP A 79 -0.43 3.15 -21.63
N TYR A 80 0.30 4.09 -21.01
CA TYR A 80 1.58 4.55 -21.52
C TYR A 80 2.71 3.86 -20.75
N ASP A 81 3.55 3.13 -21.47
CA ASP A 81 4.71 2.43 -20.91
CA ASP A 81 4.71 2.43 -20.91
C ASP A 81 5.96 3.18 -21.38
N LEU A 82 6.50 4.01 -20.49
CA LEU A 82 7.60 4.91 -20.85
C LEU A 82 8.96 4.29 -20.53
N LYS A 83 9.86 4.37 -21.49
CA LYS A 83 11.29 4.16 -21.26
C LYS A 83 11.96 5.53 -21.20
N LEU A 84 12.66 5.79 -20.11
CA LEU A 84 13.20 7.13 -19.85
C LEU A 84 14.69 7.20 -20.17
N ASN A 85 15.16 8.43 -20.38
CA ASN A 85 16.58 8.68 -20.63
C ASN A 85 17.39 8.68 -19.35
N THR A 86 16.79 9.09 -18.24
CA THR A 86 17.39 9.05 -16.91
C THR A 86 16.50 8.22 -15.98
N ASN A 87 16.92 8.14 -14.72
CA ASN A 87 16.17 7.39 -13.71
C ASN A 87 15.41 8.32 -12.78
N ALA A 88 14.82 9.39 -13.33
CA ALA A 88 13.99 10.31 -12.57
C ALA A 88 12.65 10.47 -13.30
N ALA A 89 11.57 10.53 -12.53
CA ALA A 89 10.25 10.62 -13.11
C ALA A 89 10.12 11.92 -13.89
N PRO A 90 9.48 11.89 -15.06
CA PRO A 90 9.25 13.14 -15.80
C PRO A 90 8.37 14.08 -15.00
N SER A 91 8.55 15.38 -15.26
CA SER A 91 7.83 16.40 -14.50
C SER A 91 6.33 16.30 -14.75
N LEU A 92 5.92 16.16 -16.01
CA LEU A 92 4.52 15.98 -16.40
C LEU A 92 3.63 17.05 -15.76
N GLU A 93 4.01 18.32 -15.98
CA GLU A 93 3.27 19.43 -15.41
C GLU A 93 1.86 19.48 -15.99
N SER A 94 0.96 20.12 -15.25
CA SER A 94 -0.44 20.21 -15.67
C SER A 94 -0.57 20.90 -17.02
N SER A 95 0.36 21.81 -17.34
CA SER A 95 0.34 22.46 -18.66
C SER A 95 0.58 21.45 -19.76
N VAL A 96 1.49 20.49 -19.52
CA VAL A 96 1.73 19.43 -20.50
C VAL A 96 0.56 18.46 -20.55
N LEU A 97 0.06 18.04 -19.38
CA LEU A 97 -1.08 17.13 -19.35
C LEU A 97 -2.31 17.72 -20.04
N SER A 98 -2.51 19.04 -19.90
CA SER A 98 -3.61 19.68 -20.61
C SER A 98 -3.42 19.62 -22.12
N ARG A 99 -2.18 19.75 -22.58
CA ARG A 99 -1.89 19.62 -24.00
C ARG A 99 -2.23 18.22 -24.51
N LEU A 100 -1.84 17.19 -23.76
CA LEU A 100 -2.14 15.82 -24.15
C LEU A 100 -3.65 15.57 -24.21
N CYS A 101 -4.40 16.16 -23.27
CA CYS A 101 -5.86 16.04 -23.33
C CYS A 101 -6.41 16.54 -24.65
N HIS A 102 -5.95 17.71 -25.09
CA HIS A 102 -6.42 18.28 -26.35
C HIS A 102 -6.10 17.35 -27.52
N ARG A 103 -4.85 16.87 -27.60
CA ARG A 103 -4.47 15.98 -28.70
C ARG A 103 -5.27 14.67 -28.67
N ILE A 104 -5.42 14.08 -27.47
CA ILE A 104 -6.18 12.84 -27.36
C ILE A 104 -7.62 13.08 -27.78
N PHE A 105 -8.20 14.22 -27.43
CA PHE A 105 -9.57 14.50 -27.81
C PHE A 105 -9.72 14.68 -29.32
N VAL A 106 -8.69 15.24 -29.97
CA VAL A 106 -8.72 15.36 -31.43
C VAL A 106 -8.90 13.99 -32.07
N HIS A 107 -8.10 13.02 -31.63
CA HIS A 107 -8.21 11.67 -32.18
C HIS A 107 -9.53 11.00 -31.79
N ILE A 108 -10.07 11.33 -30.61
CA ILE A 108 -11.38 10.81 -30.22
C ILE A 108 -12.45 11.35 -31.15
N LYS A 109 -12.47 12.68 -31.35
CA LYS A 109 -13.45 13.30 -32.23
C LYS A 109 -13.29 12.81 -33.68
N ASN A 110 -12.06 12.57 -34.11
CA ASN A 110 -11.82 12.12 -35.48
C ASN A 110 -12.39 10.73 -35.73
N SER A 111 -12.69 9.96 -34.68
CA SER A 111 -13.32 8.66 -34.87
C SER A 111 -14.77 8.77 -35.33
N SER A 112 -15.33 9.98 -35.35
CA SER A 112 -16.67 10.24 -35.87
C SER A 112 -17.73 9.46 -35.08
N VAL A 113 -17.64 9.53 -33.76
CA VAL A 113 -18.45 8.69 -32.89
C VAL A 113 -19.16 9.51 -31.81
N LEU A 114 -18.74 10.77 -31.63
CA LEU A 114 -19.31 11.59 -30.57
C LEU A 114 -20.75 11.98 -30.90
N PRO A 115 -21.61 12.07 -29.88
CA PRO A 115 -22.98 12.54 -30.12
C PRO A 115 -23.05 14.05 -30.19
N GLU A 116 -24.10 14.54 -30.84
CA GLU A 116 -24.29 15.97 -31.00
C GLU A 116 -24.70 16.59 -29.67
N GLY A 117 -24.51 17.91 -29.58
CA GLY A 117 -24.86 18.67 -28.40
C GLY A 117 -23.62 19.06 -27.60
N SER A 118 -23.88 19.61 -26.41
CA SER A 118 -22.84 20.02 -25.49
C SER A 118 -22.69 18.97 -24.40
N HIS A 119 -21.48 18.43 -24.25
CA HIS A 119 -21.24 17.33 -23.35
C HIS A 119 -19.93 17.51 -22.61
N LYS A 120 -19.87 16.98 -21.39
CA LYS A 120 -18.74 17.12 -20.49
C LYS A 120 -18.06 15.76 -20.33
N ILE A 121 -16.77 15.70 -20.61
CA ILE A 121 -15.99 14.49 -20.43
C ILE A 121 -14.73 14.81 -19.63
N HIS A 122 -14.29 13.84 -18.85
CA HIS A 122 -13.22 14.05 -17.89
C HIS A 122 -12.03 13.15 -18.22
N PHE A 123 -10.83 13.72 -18.11
CA PHE A 123 -9.58 13.01 -18.31
C PHE A 123 -8.87 12.91 -16.97
N PHE A 124 -8.47 11.69 -16.59
CA PHE A 124 -7.77 11.47 -15.34
C PHE A 124 -6.39 10.89 -15.63
N PHE A 125 -5.36 11.41 -14.96
CA PHE A 125 -3.98 10.98 -15.15
C PHE A 125 -3.48 10.34 -13.86
N THR A 126 -3.31 9.01 -13.87
CA THR A 126 -2.71 8.31 -12.75
C THR A 126 -1.28 7.92 -13.13
N LEU A 127 -0.34 8.17 -12.23
CA LEU A 127 1.08 8.05 -12.53
C LEU A 127 1.73 6.97 -11.67
N LYS A 128 2.75 6.33 -12.24
CA LYS A 128 3.57 5.42 -11.47
C LYS A 128 4.26 6.19 -10.35
N PRO A 129 4.40 5.60 -9.16
CA PRO A 129 4.99 6.35 -8.04
C PRO A 129 6.40 6.84 -8.29
N GLU A 130 7.27 5.99 -8.84
CA GLU A 130 8.65 6.37 -9.07
C GLU A 130 9.18 5.68 -10.31
N ALA A 131 10.15 6.32 -10.96
CA ALA A 131 10.86 5.68 -12.05
C ALA A 131 11.75 4.59 -11.50
N VAL A 132 11.66 3.40 -12.09
CA VAL A 132 12.39 2.24 -11.62
C VAL A 132 13.25 1.75 -12.79
N GLN A 133 14.57 1.96 -12.68
CA GLN A 133 15.53 1.53 -13.69
C GLN A 133 15.19 2.09 -15.07
N GLY A 134 14.84 3.38 -15.10
CA GLY A 134 14.51 4.04 -16.35
C GLY A 134 13.12 3.77 -16.88
N LYS A 135 12.33 2.93 -16.21
CA LYS A 135 10.98 2.62 -16.64
C LYS A 135 9.98 3.45 -15.85
N TYR A 136 8.96 3.98 -16.55
CA TYR A 136 7.93 4.82 -15.95
C TYR A 136 6.62 4.56 -16.68
N GLY A 137 5.53 5.02 -16.09
CA GLY A 137 4.25 4.83 -16.73
C GLY A 137 3.19 5.77 -16.20
N PHE A 138 2.16 5.91 -17.02
CA PHE A 138 0.97 6.66 -16.59
C PHE A 138 -0.23 6.16 -17.40
N HIS A 139 -1.39 6.27 -16.80
CA HIS A 139 -2.66 5.90 -17.46
C HIS A 139 -3.49 7.17 -17.69
N VAL A 140 -4.10 7.24 -18.85
CA VAL A 140 -5.07 8.33 -19.10
C VAL A 140 -6.47 7.67 -19.10
N LEU A 141 -7.30 8.05 -18.15
CA LEU A 141 -8.66 7.48 -18.02
C LEU A 141 -9.73 8.50 -18.49
N ILE A 142 -10.52 8.09 -19.47
CA ILE A 142 -11.71 8.89 -19.91
C ILE A 142 -12.88 7.93 -19.66
N PRO A 143 -13.23 7.71 -18.37
CA PRO A 143 -14.19 6.67 -18.03
C PRO A 143 -15.64 6.91 -18.51
N GLY A 144 -16.04 8.17 -18.60
CA GLY A 144 -17.42 8.48 -18.94
C GLY A 144 -17.75 8.42 -20.41
N LEU A 145 -16.74 8.45 -21.28
CA LEU A 145 -16.97 8.40 -22.71
C LEU A 145 -17.08 6.93 -23.13
N LYS A 146 -18.31 6.42 -23.12
CA LYS A 146 -18.55 5.02 -23.45
C LYS A 146 -18.48 4.82 -24.96
N MET A 147 -17.66 3.87 -25.39
CA MET A 147 -17.46 3.61 -26.81
C MET A 147 -17.15 2.14 -27.01
N ALA A 148 -17.19 1.72 -28.28
CA ALA A 148 -16.91 0.34 -28.63
C ALA A 148 -15.41 0.06 -28.62
N ALA A 149 -15.07 -1.22 -28.42
CA ALA A 149 -13.67 -1.62 -28.40
C ALA A 149 -12.98 -1.34 -29.73
N SER A 150 -13.71 -1.48 -30.84
CA SER A 150 -13.11 -1.16 -32.14
C SER A 150 -12.81 0.33 -32.25
N THR A 151 -13.68 1.17 -31.70
CA THR A 151 -13.40 2.60 -31.69
C THR A 151 -12.16 2.92 -30.87
N LYS A 152 -11.99 2.25 -29.72
CA LYS A 152 -10.80 2.48 -28.91
C LYS A 152 -9.52 2.11 -29.67
N LYS A 153 -9.52 0.98 -30.36
CA LYS A 153 -8.34 0.56 -31.10
C LYS A 153 -8.02 1.55 -32.22
N SER A 154 -9.05 2.08 -32.87
CA SER A 154 -8.82 3.08 -33.92
C SER A 154 -8.20 4.34 -33.34
N ILE A 155 -8.69 4.80 -32.18
CA ILE A 155 -8.11 5.98 -31.54
C ILE A 155 -6.67 5.70 -31.12
N ILE A 156 -6.43 4.52 -30.52
CA ILE A 156 -5.08 4.16 -30.10
C ILE A 156 -4.12 4.15 -31.28
N ALA A 157 -4.56 3.59 -32.41
CA ALA A 157 -3.70 3.54 -33.60
C ALA A 157 -3.48 4.92 -34.18
N SER A 158 -4.54 5.74 -34.20
CA SER A 158 -4.41 7.10 -34.70
C SER A 158 -3.48 7.94 -33.82
N LEU A 159 -3.51 7.71 -32.51
CA LEU A 159 -2.67 8.46 -31.59
C LEU A 159 -1.18 8.25 -31.81
N GLN A 160 -0.80 7.24 -32.59
CA GLN A 160 0.61 6.98 -32.90
C GLN A 160 1.06 7.62 -34.20
N HIS A 161 0.15 8.23 -34.96
CA HIS A 161 0.49 9.11 -36.06
C HIS A 161 0.71 10.54 -35.60
N ASP A 162 0.64 10.81 -34.29
CA ASP A 162 0.59 12.18 -33.78
C ASP A 162 2.01 12.63 -33.43
N ALA A 163 2.60 13.45 -34.31
CA ALA A 163 3.95 13.95 -34.04
C ALA A 163 4.00 14.92 -32.87
N THR A 164 2.88 15.58 -32.56
CA THR A 164 2.88 16.51 -31.43
C THR A 164 2.96 15.76 -30.10
N VAL A 165 2.20 14.67 -29.96
CA VAL A 165 2.29 13.85 -28.75
C VAL A 165 3.70 13.29 -28.60
N GLN A 166 4.30 12.84 -29.70
CA GLN A 166 5.64 12.27 -29.64
C GLN A 166 6.67 13.33 -29.21
N LYS A 167 6.56 14.54 -29.77
CA LYS A 167 7.46 15.61 -29.37
C LYS A 167 7.28 15.97 -27.90
N ILE A 168 6.03 16.03 -27.43
CA ILE A 168 5.76 16.33 -26.03
C ILE A 168 6.42 15.31 -25.13
N LEU A 169 6.26 14.02 -25.45
CA LEU A 169 6.89 12.97 -24.65
C LEU A 169 8.41 13.05 -24.74
N HIS A 170 8.93 13.38 -25.92
CA HIS A 170 10.39 13.51 -26.08
C HIS A 170 10.95 14.60 -25.17
N GLU A 171 10.27 15.75 -25.10
CA GLU A 171 10.70 16.83 -24.24
C GLU A 171 10.56 16.50 -22.75
N GLN A 172 9.85 15.44 -22.41
CA GLN A 172 9.76 14.97 -21.03
C GLN A 172 10.88 14.03 -20.64
N GLY A 173 11.70 13.61 -21.60
CA GLY A 173 12.75 12.65 -21.35
C GLY A 173 12.41 11.22 -21.73
N VAL A 174 11.33 11.00 -22.47
CA VAL A 174 10.92 9.65 -22.84
C VAL A 174 11.78 9.17 -24.01
N ALA A 175 12.39 8.00 -23.84
CA ALA A 175 13.28 7.47 -24.87
C ALA A 175 12.53 6.74 -25.97
N ASN A 176 11.29 6.34 -25.74
CA ASN A 176 10.49 5.61 -26.72
C ASN A 176 9.17 6.33 -27.02
N PRO A 177 9.24 7.58 -27.49
CA PRO A 177 7.98 8.32 -27.72
C PRO A 177 7.15 7.78 -28.87
N GLU A 178 7.74 6.94 -29.72
CA GLU A 178 7.05 6.37 -30.87
C GLU A 178 6.44 5.01 -30.58
N SER A 179 6.67 4.44 -29.40
CA SER A 179 6.21 3.09 -29.12
C SER A 179 5.90 2.89 -27.65
N CYS A 180 5.34 3.92 -27.00
CA CYS A 180 5.06 3.84 -25.57
C CYS A 180 3.59 3.60 -25.25
N LEU A 181 2.68 3.78 -26.21
CA LEU A 181 1.27 3.56 -26.00
C LEU A 181 0.95 2.10 -26.30
N ASP A 182 0.57 1.35 -25.26
CA ASP A 182 0.31 -0.08 -25.40
C ASP A 182 -0.88 -0.31 -26.34
N PRO A 183 -0.69 -1.02 -27.45
CA PRO A 183 -1.81 -1.25 -28.37
C PRO A 183 -2.96 -2.05 -27.75
N HIS A 184 -2.71 -2.79 -26.68
CA HIS A 184 -3.75 -3.59 -26.03
C HIS A 184 -4.54 -2.81 -24.99
N SER A 185 -4.41 -1.48 -24.96
CA SER A 185 -5.13 -0.66 -23.99
C SER A 185 -6.64 -0.80 -24.12
N ALA A 186 -7.13 -1.19 -25.30
CA ALA A 186 -8.57 -1.28 -25.53
C ALA A 186 -9.17 -2.59 -25.04
N SER A 187 -8.36 -3.58 -24.67
CA SER A 187 -8.88 -4.89 -24.28
C SER A 187 -8.36 -5.43 -22.96
N VAL A 188 -7.20 -4.98 -22.48
CA VAL A 188 -6.64 -5.53 -21.24
C VAL A 188 -7.54 -5.18 -20.06
N PRO A 189 -7.76 -6.09 -19.12
CA PRO A 189 -8.48 -5.72 -17.89
C PRO A 189 -7.79 -4.56 -17.19
N SER A 190 -8.61 -3.63 -16.68
CA SER A 190 -8.11 -2.37 -16.16
C SER A 190 -8.15 -2.38 -14.63
N LEU A 191 -7.02 -2.05 -14.01
CA LEU A 191 -6.97 -1.96 -12.55
C LEU A 191 -7.93 -0.89 -12.04
N LEU A 192 -8.73 -1.24 -11.05
CA LEU A 192 -9.48 -0.21 -10.34
C LEU A 192 -8.52 0.71 -9.63
N TYR A 193 -8.94 1.95 -9.40
CA TYR A 193 -8.03 2.91 -8.78
C TYR A 193 -7.67 2.46 -7.38
N GLY A 194 -6.37 2.52 -7.07
CA GLY A 194 -5.85 2.05 -5.81
C GLY A 194 -5.37 0.62 -5.82
N SER A 195 -5.70 -0.16 -6.85
CA SER A 195 -5.27 -1.54 -6.96
C SER A 195 -3.93 -1.62 -7.71
N SER A 196 -3.25 -2.74 -7.46
CA SER A 196 -1.91 -2.96 -8.05
C SER A 196 -1.59 -4.45 -8.05
N LYS A 197 -0.44 -4.83 -8.62
CA LYS A 197 0.03 -6.23 -8.50
C LYS A 197 0.55 -6.45 -7.08
N LEU A 198 0.63 -7.71 -6.64
CA LEU A 198 1.10 -8.01 -5.27
C LEU A 198 2.55 -7.55 -5.12
N ASN A 199 3.23 -7.29 -6.22
CA ASN A 199 4.65 -6.88 -6.20
C ASN A 199 4.77 -5.36 -6.30
N HIS A 200 3.84 -4.72 -7.04
CA HIS A 200 3.95 -3.27 -7.32
C HIS A 200 3.08 -2.37 -6.47
N ARG A 201 3.42 -1.09 -6.49
CA ARG A 201 2.61 -0.08 -5.78
C ARG A 201 1.63 0.47 -6.82
N PRO A 202 0.42 0.89 -6.40
CA PRO A 202 -0.60 1.36 -7.34
C PRO A 202 -0.26 2.74 -7.90
N TYR A 203 -0.79 3.01 -9.09
CA TYR A 203 -0.66 4.33 -9.70
C TYR A 203 -1.42 5.36 -8.87
N GLN A 204 -0.89 6.59 -8.85
CA GLN A 204 -1.45 7.67 -8.06
C GLN A 204 -2.04 8.73 -8.98
N LEU A 205 -3.26 9.14 -8.70
CA LEU A 205 -3.91 10.20 -9.45
C LEU A 205 -3.19 11.53 -9.22
N LYS A 206 -2.66 12.12 -10.29
CA LYS A 206 -2.00 13.42 -10.19
C LYS A 206 -3.02 14.55 -10.31
N THR A 207 -3.78 14.56 -11.40
CA THR A 207 -4.79 15.59 -11.61
C THR A 207 -5.80 15.06 -12.62
N GLY A 208 -6.87 15.83 -12.80
CA GLY A 208 -7.91 15.50 -13.76
C GLY A 208 -8.42 16.76 -14.42
N PHE A 209 -8.84 16.61 -15.68
CA PHE A 209 -9.28 17.74 -16.48
C PHE A 209 -10.73 17.58 -16.91
N GLU A 210 -11.38 18.73 -17.11
CA GLU A 210 -12.76 18.82 -17.57
C GLU A 210 -12.77 19.39 -18.98
N LEU A 211 -13.30 18.62 -19.93
CA LEU A 211 -13.39 19.04 -21.32
C LEU A 211 -14.86 19.14 -21.73
N VAL A 212 -15.21 20.21 -22.42
CA VAL A 212 -16.56 20.42 -22.92
C VAL A 212 -16.48 20.59 -24.44
N PHE A 213 -17.17 19.70 -25.17
CA PHE A 213 -17.28 19.82 -26.61
C PHE A 213 -18.73 20.08 -26.99
N ASP A 214 -18.91 20.90 -28.02
CA ASP A 214 -20.24 21.36 -28.44
C ASP A 214 -20.29 21.32 -29.95
N SER A 215 -21.23 20.55 -30.51
CA SER A 215 -21.33 20.45 -31.96
C SER A 215 -21.71 21.78 -32.60
N SER A 216 -22.34 22.69 -31.85
CA SER A 216 -22.67 24.01 -32.35
C SER A 216 -21.52 24.99 -32.20
N ASP A 217 -20.38 24.54 -31.67
CA ASP A 217 -19.17 25.37 -31.57
C ASP A 217 -17.96 24.44 -31.63
N PRO A 218 -17.72 23.82 -32.79
CA PRO A 218 -16.72 22.73 -32.85
C PRO A 218 -15.29 23.19 -32.57
N ASP A 219 -14.97 24.46 -32.82
CA ASP A 219 -13.62 24.94 -32.60
C ASP A 219 -13.32 25.24 -31.15
N TYR A 220 -14.34 25.33 -30.29
CA TYR A 220 -14.15 25.68 -28.89
C TYR A 220 -14.00 24.42 -28.06
N ILE A 221 -12.83 24.24 -27.47
CA ILE A 221 -12.54 23.05 -26.67
C ILE A 221 -11.90 23.50 -25.36
N PRO A 222 -12.69 23.89 -24.36
CA PRO A 222 -12.10 24.34 -23.09
C PRO A 222 -11.68 23.14 -22.24
N ILE A 223 -10.45 23.20 -21.73
CA ILE A 223 -9.90 22.16 -20.86
C ILE A 223 -9.43 22.84 -19.58
N HIS A 224 -9.97 22.40 -18.44
CA HIS A 224 -9.62 22.96 -17.15
C HIS A 224 -9.55 21.85 -16.12
N GLN A 225 -8.68 22.03 -15.12
CA GLN A 225 -8.57 21.05 -14.06
C GLN A 225 -9.87 20.96 -13.28
N ILE A 226 -10.23 19.73 -12.88
CA ILE A 226 -11.46 19.51 -12.14
C ILE A 226 -11.30 20.08 -10.73
N LYS A 227 -12.37 20.69 -10.22
CA LYS A 227 -12.37 21.25 -8.87
C LYS A 227 -12.76 20.17 -7.87
N ASN A 228 -11.99 20.06 -6.79
CA ASN A 228 -12.30 19.18 -5.66
C ASN A 228 -12.46 17.72 -6.08
N ILE A 229 -11.41 17.20 -6.73
CA ILE A 229 -11.42 15.80 -7.11
C ILE A 229 -11.40 14.92 -5.86
N GLU A 230 -10.71 15.35 -4.81
CA GLU A 230 -10.59 14.56 -3.59
C GLU A 230 -11.93 14.37 -2.89
N SER A 231 -12.95 15.15 -3.23
CA SER A 231 -14.25 15.04 -2.59
C SER A 231 -15.11 13.93 -3.19
N TYR A 232 -14.64 13.24 -4.22
CA TYR A 232 -15.41 12.21 -4.90
C TYR A 232 -14.89 10.82 -4.54
N ASN A 233 -15.69 9.81 -4.86
CA ASN A 233 -15.26 8.43 -4.76
C ASN A 233 -14.41 8.13 -6.00
N LEU A 234 -13.09 8.10 -5.81
CA LEU A 234 -12.19 7.93 -6.94
C LEU A 234 -12.32 6.56 -7.58
N VAL A 235 -12.53 5.52 -6.77
CA VAL A 235 -12.75 4.19 -7.33
C VAL A 235 -13.97 4.21 -8.25
N SER A 236 -15.04 4.88 -7.82
CA SER A 236 -16.26 4.93 -8.61
C SER A 236 -16.12 5.80 -9.85
N GLU A 237 -15.58 7.02 -9.68
CA GLU A 237 -15.54 7.96 -10.80
C GLU A 237 -14.63 7.48 -11.92
N LEU A 238 -13.48 6.89 -11.58
CA LEU A 238 -12.51 6.49 -12.59
C LEU A 238 -12.83 5.15 -13.24
N SER A 239 -13.87 4.47 -12.78
CA SER A 239 -14.23 3.16 -13.31
C SER A 239 -14.72 3.25 -14.75
N LEU A 240 -14.13 2.44 -15.62
CA LEU A 240 -14.48 2.46 -17.03
C LEU A 240 -15.89 1.94 -17.30
N THR A 241 -16.40 1.05 -16.45
CA THR A 241 -17.71 0.45 -16.64
C THR A 241 -18.80 1.09 -15.79
N ASN A 242 -18.44 2.06 -14.94
CA ASN A 242 -19.43 2.71 -14.09
C ASN A 242 -20.29 3.65 -14.92
N GLU A 243 -21.59 3.68 -14.59
CA GLU A 243 -22.51 4.61 -15.23
C GLU A 243 -23.28 5.44 -14.21
N GLN A 244 -22.93 5.34 -12.92
CA GLN A 244 -23.64 6.06 -11.86
C GLN A 244 -22.70 6.96 -11.06
N GLY A 245 -21.61 7.41 -11.68
CA GLY A 245 -20.74 8.36 -11.01
C GLY A 245 -21.43 9.69 -10.79
N SER A 246 -20.94 10.43 -9.82
CA SER A 246 -21.48 11.76 -9.53
C SER A 246 -20.80 12.82 -10.38
N LEU A 247 -19.47 12.82 -10.41
CA LEU A 247 -18.73 13.74 -11.28
C LEU A 247 -18.75 13.26 -12.72
N VAL A 248 -18.51 11.96 -12.93
CA VAL A 248 -18.37 11.39 -14.26
C VAL A 248 -19.74 10.87 -14.69
N ARG A 249 -20.40 11.60 -15.57
CA ARG A 249 -21.70 11.17 -16.10
C ARG A 249 -21.52 10.64 -17.51
N PRO A 250 -22.12 9.50 -17.84
CA PRO A 250 -21.81 8.85 -19.13
C PRO A 250 -22.22 9.69 -20.32
N VAL A 251 -21.44 9.55 -21.39
CA VAL A 251 -21.74 10.18 -22.70
C VAL A 251 -21.57 9.00 -23.67
N TYR A 252 -22.66 8.56 -24.31
CA TYR A 252 -22.61 7.37 -25.17
C TYR A 252 -22.21 7.71 -26.60
N CYS A 253 -21.21 7.00 -27.12
CA CYS A 253 -20.74 7.20 -28.51
C CYS A 253 -21.46 6.27 -29.49
N ALA A 254 -21.58 6.70 -30.74
CA ALA A 254 -22.20 5.93 -31.82
C ALA A 254 -21.54 4.56 -31.95
N LEU B 3 12.05 5.39 40.90
CA LEU B 3 11.84 6.59 40.09
C LEU B 3 13.12 7.00 39.37
N ALA B 4 14.24 6.44 39.83
CA ALA B 4 15.54 6.80 39.27
C ALA B 4 15.67 6.36 37.81
N GLU B 5 15.04 5.24 37.44
CA GLU B 5 15.17 4.73 36.08
C GLU B 5 14.57 5.72 35.08
N VAL B 6 13.41 6.30 35.40
CA VAL B 6 12.81 7.30 34.52
C VAL B 6 13.68 8.53 34.44
N GLN B 7 14.10 9.07 35.59
CA GLN B 7 14.93 10.27 35.60
C GLN B 7 16.26 10.05 34.89
N ALA B 8 16.81 8.83 34.96
CA ALA B 8 18.02 8.51 34.23
C ALA B 8 17.78 8.55 32.72
N LEU B 9 16.57 8.19 32.28
CA LEU B 9 16.26 8.25 30.85
C LEU B 9 16.08 9.68 30.37
N GLU B 10 15.39 10.52 31.16
CA GLU B 10 15.25 11.92 30.78
C GLU B 10 16.59 12.64 30.81
N THR B 11 17.49 12.22 31.70
CA THR B 11 18.85 12.73 31.68
C THR B 11 19.58 12.31 30.41
N LEU B 12 19.45 11.04 30.03
CA LEU B 12 20.06 10.56 28.79
C LEU B 12 19.43 11.24 27.58
N LEU B 13 18.14 11.55 27.63
CA LEU B 13 17.47 12.17 26.50
C LEU B 13 17.87 13.63 26.34
N ALA B 14 18.04 14.35 27.45
CA ALA B 14 18.29 15.78 27.41
C ALA B 14 19.77 16.13 27.30
N ARG B 15 20.64 15.34 27.94
CA ARG B 15 22.06 15.66 27.98
C ARG B 15 22.86 14.99 26.88
N GLU B 16 22.49 13.77 26.48
CA GLU B 16 23.25 13.00 25.50
C GLU B 16 22.49 12.84 24.19
N LEU B 17 21.28 12.30 24.23
CA LEU B 17 20.55 11.96 23.01
C LEU B 17 20.00 13.19 22.29
N SER B 18 20.01 14.38 22.92
CA SER B 18 19.49 15.57 22.27
C SER B 18 20.31 15.97 21.05
N VAL B 19 21.57 15.55 20.96
CA VAL B 19 22.39 15.84 19.79
C VAL B 19 21.93 15.10 18.55
N PHE B 20 21.05 14.10 18.70
CA PHE B 20 20.53 13.32 17.58
C PHE B 20 19.10 13.70 17.23
N LEU B 21 18.62 14.84 17.72
CA LEU B 21 17.26 15.27 17.41
C LEU B 21 17.14 15.63 15.93
N THR B 22 15.96 15.36 15.37
CA THR B 22 15.68 15.60 13.97
C THR B 22 14.48 16.51 13.82
N GLU B 23 14.42 17.21 12.68
CA GLU B 23 13.22 17.96 12.35
C GLU B 23 12.05 16.99 12.18
N PRO B 24 10.82 17.45 12.51
CA PRO B 24 9.66 16.54 12.52
C PRO B 24 9.58 15.52 11.40
N GLY B 25 9.43 15.99 10.16
CA GLY B 25 9.22 15.09 9.04
C GLY B 25 10.49 14.59 8.36
N SER B 26 11.56 14.42 9.14
CA SER B 26 12.83 13.96 8.58
C SER B 26 12.77 12.46 8.27
N LYS B 27 13.28 12.09 7.10
CA LYS B 27 13.32 10.68 6.72
C LYS B 27 14.35 9.90 7.53
N LYS B 28 15.27 10.59 8.21
CA LYS B 28 16.29 9.94 9.02
C LYS B 28 15.79 9.52 10.39
N THR B 29 14.57 9.91 10.76
CA THR B 29 14.04 9.60 12.09
C THR B 29 13.83 8.10 12.24
N ASN B 30 14.36 7.54 13.33
CA ASN B 30 14.11 6.14 13.68
C ASN B 30 13.41 5.95 15.01
N ILE B 31 13.37 6.96 15.87
CA ILE B 31 12.75 6.86 17.19
C ILE B 31 11.81 8.05 17.38
N ILE B 32 10.61 7.78 17.87
CA ILE B 32 9.62 8.80 18.15
C ILE B 32 9.24 8.71 19.63
N ASN B 33 9.22 9.86 20.31
CA ASN B 33 8.69 9.96 21.66
C ASN B 33 7.33 10.64 21.55
N ARG B 34 6.27 9.84 21.63
CA ARG B 34 4.92 10.37 21.43
C ARG B 34 4.53 11.37 22.52
N ILE B 35 5.02 11.17 23.75
CA ILE B 35 4.60 12.01 24.86
C ILE B 35 5.23 13.40 24.81
N THR B 36 6.33 13.58 24.06
CA THR B 36 6.93 14.89 23.87
C THR B 36 6.89 15.37 22.43
N GLY B 37 6.67 14.50 21.46
CA GLY B 37 6.74 14.87 20.07
C GLY B 37 8.12 14.90 19.47
N LYS B 38 9.16 14.67 20.27
CA LYS B 38 10.53 14.73 19.76
C LYS B 38 10.84 13.50 18.92
N THR B 39 11.61 13.72 17.85
CA THR B 39 12.06 12.64 16.98
C THR B 39 13.59 12.58 17.03
N TYR B 40 14.13 11.39 16.83
CA TYR B 40 15.56 11.15 16.92
C TYR B 40 16.03 10.30 15.74
N ALA B 41 17.30 10.49 15.38
CA ALA B 41 17.99 9.65 14.40
C ALA B 41 19.19 9.06 15.13
N LEU B 42 18.93 8.03 15.92
CA LEU B 42 19.99 7.44 16.74
C LEU B 42 20.89 6.57 15.87
N PRO B 43 22.21 6.73 15.95
CA PRO B 43 23.11 5.77 15.30
C PRO B 43 23.00 4.41 15.95
N SER B 44 23.60 3.42 15.29
CA SER B 44 23.52 2.04 15.78
C SER B 44 24.15 1.90 17.15
N THR B 45 25.24 2.63 17.41
CA THR B 45 25.92 2.51 18.70
C THR B 45 25.08 3.08 19.83
N GLU B 46 24.34 4.16 19.57
CA GLU B 46 23.52 4.79 20.59
C GLU B 46 22.14 4.15 20.72
N LEU B 47 21.72 3.34 19.74
CA LEU B 47 20.41 2.71 19.82
C LEU B 47 20.37 1.62 20.88
N LEU B 48 21.47 0.88 21.05
CA LEU B 48 21.49 -0.18 22.04
C LEU B 48 21.46 0.39 23.45
N ARG B 49 22.35 1.33 23.76
CA ARG B 49 22.35 1.96 25.07
C ARG B 49 21.02 2.63 25.36
N PHE B 50 20.34 3.16 24.34
CA PHE B 50 19.00 3.69 24.52
C PHE B 50 18.03 2.60 24.94
N TYR B 51 18.17 1.41 24.35
CA TYR B 51 17.28 0.30 24.70
C TYR B 51 17.56 -0.22 26.11
N GLU B 52 18.80 -0.12 26.57
CA GLU B 52 19.11 -0.56 27.93
C GLU B 52 18.44 0.33 28.97
N HIS B 53 18.38 1.62 28.71
CA HIS B 53 17.64 2.53 29.63
C HIS B 53 16.15 2.19 29.59
N LEU B 54 15.57 1.96 28.41
CA LEU B 54 14.10 1.70 28.31
C LEU B 54 13.76 0.40 29.03
N GLU B 55 14.60 -0.63 28.88
CA GLU B 55 14.30 -1.96 29.48
C GLU B 55 14.29 -1.83 31.01
N GLN B 56 15.24 -1.06 31.53
CA GLN B 56 15.24 -0.84 32.97
C GLN B 56 13.97 -0.12 33.41
N CYS B 57 13.45 0.78 32.57
CA CYS B 57 12.18 1.43 32.89
C CYS B 57 11.02 0.46 32.71
N ARG B 58 11.09 -0.42 31.72
CA ARG B 58 10.01 -1.37 31.47
C ARG B 58 9.87 -2.37 32.62
N LYS B 59 11.00 -2.86 33.14
CA LYS B 59 10.97 -3.80 34.25
C LYS B 59 10.46 -3.17 35.54
N GLN B 60 10.32 -1.85 35.58
CA GLN B 60 9.77 -1.14 36.72
C GLN B 60 8.32 -0.73 36.52
N GLY B 61 7.72 -1.08 35.37
CA GLY B 61 6.37 -0.67 35.08
C GLY B 61 6.21 0.79 34.70
N ALA B 62 7.29 1.45 34.29
CA ALA B 62 7.21 2.86 33.94
C ALA B 62 6.41 3.06 32.66
N LEU B 63 5.67 4.16 32.60
CA LEU B 63 4.87 4.48 31.41
C LEU B 63 5.77 5.10 30.36
N MET B 64 5.82 4.48 29.19
CA MET B 64 6.61 4.96 28.07
C MET B 64 5.74 5.01 26.81
N TYR B 65 6.15 5.86 25.87
CA TYR B 65 5.38 6.12 24.66
C TYR B 65 6.30 6.21 23.45
N PHE B 66 7.33 5.36 23.42
CA PHE B 66 8.32 5.39 22.36
C PHE B 66 7.90 4.48 21.22
N LEU B 67 8.03 4.98 19.99
CA LEU B 67 7.76 4.20 18.78
C LEU B 67 9.00 4.20 17.91
N GLU B 68 9.11 3.20 17.06
CA GLU B 68 10.18 3.11 16.07
C GLU B 68 9.58 3.22 14.68
N ARG B 69 10.31 3.87 13.77
CA ARG B 69 9.87 4.03 12.40
C ARG B 69 10.38 2.84 11.58
N GLN B 70 9.47 2.20 10.84
CA GLN B 70 9.84 1.00 10.10
C GLN B 70 10.76 1.33 8.92
N GLY B 71 10.57 2.49 8.30
CA GLY B 71 11.44 2.86 7.19
C GLY B 71 11.16 2.03 5.96
N THR B 72 12.22 1.68 5.23
CA THR B 72 12.11 0.95 3.99
C THR B 72 12.65 -0.47 4.06
N TYR B 73 13.32 -0.85 5.15
CA TYR B 73 13.92 -2.17 5.25
C TYR B 73 14.15 -2.46 6.73
N SER B 74 13.26 -3.25 7.32
CA SER B 74 13.31 -3.56 8.74
C SER B 74 12.54 -4.85 8.99
N GLY B 75 12.32 -5.18 10.26
CA GLY B 75 11.54 -6.34 10.62
C GLY B 75 10.06 -6.14 10.37
N LEU B 76 9.33 -7.25 10.47
CA LEU B 76 7.91 -7.29 10.14
C LEU B 76 7.07 -7.36 11.41
N MET B 77 5.92 -6.68 11.39
CA MET B 77 5.05 -6.62 12.55
C MET B 77 3.61 -6.55 12.07
N LEU B 78 2.71 -7.25 12.78
CA LEU B 78 1.32 -7.39 12.38
C LEU B 78 0.40 -7.03 13.53
N ASP B 79 -0.65 -6.27 13.24
CA ASP B 79 -1.60 -5.79 14.24
C ASP B 79 -2.96 -6.42 14.00
N TYR B 80 -3.54 -6.98 15.06
CA TYR B 80 -4.84 -7.64 14.99
C TYR B 80 -5.83 -6.90 15.90
N ASP B 81 -7.01 -6.61 15.36
CA ASP B 81 -8.09 -5.97 16.12
C ASP B 81 -9.32 -6.86 16.00
N LEU B 82 -9.78 -7.40 17.13
CA LEU B 82 -10.81 -8.42 17.14
C LEU B 82 -12.10 -7.90 17.77
N LYS B 83 -13.23 -8.36 17.23
CA LYS B 83 -14.54 -8.15 17.82
C LYS B 83 -15.10 -9.51 18.22
N LEU B 84 -15.53 -9.62 19.47
CA LEU B 84 -15.92 -10.90 20.05
C LEU B 84 -17.44 -11.03 20.11
N ASN B 85 -17.89 -12.20 20.57
CA ASN B 85 -19.32 -12.48 20.73
C ASN B 85 -19.71 -12.49 22.20
C ALA B 88 -13.87 -13.13 25.96
N ALA B 89 -12.71 -12.91 26.58
CA ALA B 89 -11.43 -12.81 25.84
C ALA B 89 -11.04 -14.17 25.26
N PRO B 90 -10.44 -14.23 24.05
CA PRO B 90 -9.97 -15.49 23.51
C PRO B 90 -8.83 -16.09 24.34
N SER B 91 -8.82 -17.42 24.48
CA SER B 91 -7.77 -18.13 25.25
C SER B 91 -6.40 -17.92 24.60
N LEU B 92 -6.35 -17.98 23.26
CA LEU B 92 -5.09 -17.79 22.53
C LEU B 92 -3.98 -18.67 23.10
N GLU B 93 -4.26 -19.96 23.20
CA GLU B 93 -3.28 -20.90 23.76
C GLU B 93 -2.05 -20.99 22.86
N SER B 94 -0.95 -21.45 23.46
CA SER B 94 0.29 -21.59 22.72
C SER B 94 0.14 -22.53 21.54
N SER B 95 -0.72 -23.55 21.66
CA SER B 95 -1.03 -24.41 20.52
C SER B 95 -1.62 -23.61 19.36
N VAL B 96 -2.42 -22.59 19.68
CA VAL B 96 -3.01 -21.74 18.64
C VAL B 96 -1.99 -20.77 18.08
N LEU B 97 -1.21 -20.13 18.96
CA LEU B 97 -0.22 -19.16 18.52
C LEU B 97 0.85 -19.81 17.65
N SER B 98 1.22 -21.06 17.96
CA SER B 98 2.21 -21.75 17.14
C SER B 98 1.66 -22.03 15.74
N ARG B 99 0.37 -22.37 15.64
CA ARG B 99 -0.22 -22.58 14.33
C ARG B 99 -0.28 -21.29 13.52
N LEU B 100 -0.51 -20.16 14.19
CA LEU B 100 -0.47 -18.89 13.48
C LEU B 100 0.90 -18.60 12.92
N CYS B 101 1.96 -18.97 13.66
CA CYS B 101 3.32 -18.80 13.15
C CYS B 101 3.51 -19.58 11.86
N HIS B 102 2.94 -20.77 11.77
CA HIS B 102 3.05 -21.56 10.55
C HIS B 102 2.29 -20.91 9.40
N ARG B 103 1.04 -20.52 9.65
CA ARG B 103 0.23 -19.90 8.60
C ARG B 103 0.80 -18.57 8.17
N ILE B 104 1.44 -17.84 9.09
CA ILE B 104 2.11 -16.60 8.72
C ILE B 104 3.37 -16.89 7.89
N PHE B 105 4.11 -17.93 8.28
CA PHE B 105 5.31 -18.30 7.53
C PHE B 105 4.99 -18.80 6.12
N VAL B 106 3.77 -19.31 5.89
CA VAL B 106 3.39 -19.75 4.56
C VAL B 106 3.40 -18.57 3.59
N HIS B 107 2.79 -17.46 3.99
CA HIS B 107 2.78 -16.27 3.15
C HIS B 107 4.14 -15.59 3.09
N ILE B 108 4.98 -15.78 4.11
CA ILE B 108 6.32 -15.20 4.08
C ILE B 108 7.18 -15.89 3.03
N LYS B 109 7.17 -17.22 3.02
CA LYS B 109 7.98 -17.97 2.05
C LYS B 109 7.45 -17.82 0.62
N ASN B 110 6.17 -17.49 0.46
CA ASN B 110 5.57 -17.38 -0.86
C ASN B 110 5.94 -16.09 -1.58
N SER B 111 6.54 -15.13 -0.90
CA SER B 111 6.94 -13.87 -1.52
C SER B 111 8.41 -13.59 -1.31
N VAL B 113 11.54 -14.56 -0.67
CA VAL B 113 12.74 -13.74 -0.72
C VAL B 113 13.69 -14.14 0.42
N LEU B 114 13.46 -15.29 1.06
CA LEU B 114 14.31 -15.69 2.20
C LEU B 114 15.67 -16.20 1.70
N PRO B 115 16.79 -15.93 2.40
CA PRO B 115 18.09 -16.37 1.97
C PRO B 115 18.28 -17.87 2.18
N GLU B 116 18.80 -18.56 1.17
CA GLU B 116 19.05 -20.02 1.28
C GLU B 116 20.02 -20.28 2.43
N GLY B 117 20.02 -21.51 2.95
CA GLY B 117 20.84 -21.79 4.14
C GLY B 117 19.95 -22.07 5.35
N SER B 118 20.58 -22.26 6.50
CA SER B 118 19.83 -22.53 7.76
C SER B 118 19.76 -21.25 8.60
N HIS B 119 18.56 -20.84 8.92
CA HIS B 119 18.35 -19.59 9.70
C HIS B 119 17.14 -19.75 10.63
N LYS B 120 17.20 -19.09 11.77
CA LYS B 120 16.12 -19.12 12.76
C LYS B 120 15.49 -17.74 12.86
N ILE B 121 14.17 -17.68 12.69
CA ILE B 121 13.41 -16.46 12.88
C ILE B 121 12.52 -16.63 14.10
N HIS B 122 12.12 -15.50 14.68
CA HIS B 122 11.39 -15.49 15.94
C HIS B 122 10.07 -14.74 15.80
N PHE B 123 9.02 -15.29 16.43
CA PHE B 123 7.70 -14.68 16.47
C PHE B 123 7.40 -14.34 17.92
N PHE B 124 7.11 -13.07 18.20
CA PHE B 124 6.74 -12.62 19.53
C PHE B 124 5.30 -12.14 19.52
N PHE B 125 4.50 -12.64 20.46
CA PHE B 125 3.08 -12.32 20.56
C PHE B 125 2.85 -11.46 21.80
N THR B 126 2.48 -10.20 21.58
CA THR B 126 2.12 -9.29 22.66
C THR B 126 0.60 -9.08 22.63
N LEU B 127 -0.03 -9.27 23.78
CA LEU B 127 -1.49 -9.30 23.87
C LEU B 127 -2.02 -8.08 24.60
N LYS B 128 -3.25 -7.69 24.23
CA LYS B 128 -3.96 -6.67 24.99
C LYS B 128 -4.27 -7.20 26.39
N PRO B 129 -4.10 -6.39 27.43
CA PRO B 129 -4.29 -6.89 28.80
C PRO B 129 -5.69 -7.44 29.06
N GLU B 130 -6.73 -6.73 28.61
CA GLU B 130 -8.10 -7.18 28.83
C GLU B 130 -8.94 -7.05 27.56
N TYR B 136 -10.61 -6.60 21.97
CA TYR B 136 -9.36 -7.31 22.17
C TYR B 136 -8.43 -7.12 20.97
N GLY B 137 -7.19 -7.55 21.12
CA GLY B 137 -6.23 -7.44 20.04
C GLY B 137 -4.87 -7.93 20.50
N PHE B 138 -3.98 -8.11 19.51
CA PHE B 138 -2.62 -8.55 19.80
C PHE B 138 -1.73 -8.16 18.62
N HIS B 139 -0.43 -8.15 18.88
CA HIS B 139 0.55 -7.86 17.81
C HIS B 139 1.53 -9.02 17.65
N VAL B 140 1.91 -9.29 16.40
CA VAL B 140 2.92 -10.34 16.15
C VAL B 140 4.18 -9.64 15.67
N LEU B 141 5.26 -9.83 16.39
CA LEU B 141 6.53 -9.17 16.05
C LEU B 141 7.50 -10.19 15.47
N ILE B 142 8.02 -9.92 14.29
CA ILE B 142 9.05 -10.75 13.66
C ILE B 142 10.25 -9.84 13.39
N PRO B 143 10.96 -9.38 14.44
CA PRO B 143 12.04 -8.39 14.28
C PRO B 143 13.30 -8.75 13.47
N GLY B 144 13.71 -10.00 13.49
CA GLY B 144 14.93 -10.42 12.78
C GLY B 144 14.73 -10.52 11.28
N LEU B 145 13.49 -10.60 10.80
CA LEU B 145 13.28 -10.81 9.36
C LEU B 145 13.33 -9.45 8.65
N LYS B 146 14.55 -9.00 8.37
CA LYS B 146 14.75 -7.73 7.69
C LYS B 146 14.32 -7.84 6.24
N MET B 147 13.31 -7.07 5.84
CA MET B 147 12.79 -7.13 4.49
C MET B 147 12.23 -5.78 4.09
N ALA B 148 12.19 -5.55 2.77
CA ALA B 148 11.72 -4.28 2.24
C ALA B 148 10.23 -4.10 2.51
N ALA B 149 9.78 -2.84 2.53
CA ALA B 149 8.36 -2.58 2.86
C ALA B 149 7.44 -3.24 1.86
N SER B 150 7.87 -3.26 0.59
CA SER B 150 7.06 -3.89 -0.47
C SER B 150 6.83 -5.35 -0.10
N THR B 151 7.91 -6.09 0.09
CA THR B 151 7.84 -7.51 0.48
C THR B 151 6.89 -7.69 1.67
N LYS B 152 6.81 -6.73 2.59
CA LYS B 152 5.95 -6.81 3.81
C LYS B 152 4.46 -6.62 3.47
N LYS B 153 4.14 -5.74 2.54
CA LYS B 153 2.71 -5.46 2.22
C LYS B 153 2.16 -6.66 1.45
N SER B 154 3.03 -7.30 0.65
CA SER B 154 2.65 -8.51 -0.07
C SER B 154 2.30 -9.64 0.90
N ILE B 155 3.02 -9.73 2.01
CA ILE B 155 2.75 -10.78 2.99
C ILE B 155 1.46 -10.48 3.75
N ILE B 156 1.29 -9.22 4.17
CA ILE B 156 0.11 -8.87 4.96
C ILE B 156 -1.17 -8.96 4.11
N ALA B 157 -1.05 -8.76 2.79
CA ALA B 157 -2.23 -8.85 1.94
C ALA B 157 -2.66 -10.30 1.73
N SER B 158 -1.70 -11.20 1.50
CA SER B 158 -2.05 -12.61 1.36
C SER B 158 -2.48 -13.21 2.69
N LEU B 159 -1.83 -12.79 3.79
CA LEU B 159 -2.20 -13.27 5.12
C LEU B 159 -3.63 -12.88 5.48
N GLN B 160 -4.12 -11.76 4.95
CA GLN B 160 -5.50 -11.37 5.19
C GLN B 160 -6.47 -12.32 4.52
N HIS B 161 -6.07 -12.93 3.41
CA HIS B 161 -6.91 -13.89 2.69
C HIS B 161 -6.46 -15.32 2.97
N ASP B 162 -6.31 -15.66 4.25
CA ASP B 162 -5.92 -17.00 4.66
C ASP B 162 -7.12 -17.66 5.34
N ALA B 163 -7.69 -18.66 4.67
CA ALA B 163 -8.89 -19.31 5.18
C ALA B 163 -8.63 -20.04 6.49
N THR B 164 -7.41 -20.53 6.71
CA THR B 164 -7.10 -21.23 7.95
C THR B 164 -7.10 -20.26 9.13
N VAL B 165 -6.47 -19.09 8.96
CA VAL B 165 -6.40 -18.10 10.04
C VAL B 165 -7.80 -17.63 10.43
N GLN B 166 -8.68 -17.46 9.44
CA GLN B 166 -10.04 -17.05 9.74
C GLN B 166 -10.78 -18.13 10.53
N LYS B 167 -10.56 -19.41 10.18
CA LYS B 167 -11.20 -20.50 10.90
C LYS B 167 -10.72 -20.56 12.34
N ILE B 168 -9.44 -20.28 12.58
CA ILE B 168 -8.91 -20.28 13.94
C ILE B 168 -9.59 -19.20 14.78
N LEU B 169 -9.83 -18.03 14.19
CA LEU B 169 -10.38 -16.87 14.94
C LEU B 169 -11.84 -17.08 15.35
N HIS B 170 -12.67 -17.59 14.44
CA HIS B 170 -14.09 -17.86 14.77
C HIS B 170 -14.11 -18.86 15.93
N GLU B 171 -13.33 -19.94 15.82
CA GLU B 171 -13.26 -20.97 16.90
C GLU B 171 -12.81 -20.30 18.21
N GLN B 172 -12.13 -19.15 18.14
CA GLN B 172 -11.68 -18.41 19.35
C GLN B 172 -12.72 -17.36 19.77
N GLY B 173 -13.85 -17.28 19.09
CA GLY B 173 -14.92 -16.35 19.53
C GLY B 173 -14.92 -15.05 18.75
N VAL B 174 -14.11 -14.96 17.71
CA VAL B 174 -14.03 -13.65 17.00
C VAL B 174 -15.26 -13.51 16.10
N ALA B 175 -15.77 -12.29 15.96
CA ALA B 175 -16.97 -12.01 15.17
C ALA B 175 -16.57 -11.42 13.82
N ASN B 176 -15.32 -11.01 13.66
CA ASN B 176 -14.86 -10.32 12.41
C ASN B 176 -13.56 -10.97 11.92
N PRO B 177 -13.50 -12.28 11.61
CA PRO B 177 -12.21 -12.88 11.24
C PRO B 177 -11.54 -12.43 9.94
N GLU B 178 -12.29 -11.90 8.97
CA GLU B 178 -11.65 -11.37 7.73
C GLU B 178 -11.19 -9.92 7.94
N SER B 179 -12.06 -9.06 8.43
CA SER B 179 -11.73 -7.64 8.67
C SER B 179 -11.27 -7.45 10.12
N CYS B 180 -10.30 -8.25 10.60
CA CYS B 180 -9.71 -8.09 11.95
C CYS B 180 -8.29 -7.50 11.85
N LEU B 181 -7.55 -7.84 10.80
CA LEU B 181 -6.15 -7.33 10.70
C LEU B 181 -6.15 -5.92 10.15
N ASP B 182 -5.27 -5.07 10.67
CA ASP B 182 -5.17 -3.67 10.29
C ASP B 182 -4.21 -3.54 9.12
N PRO B 183 -4.63 -3.03 7.97
CA PRO B 183 -3.70 -2.85 6.85
C PRO B 183 -2.57 -1.88 7.16
N HIS B 184 -2.73 -1.01 8.17
CA HIS B 184 -1.69 -0.04 8.50
C HIS B 184 -0.48 -0.66 9.16
N SER B 185 -0.46 -1.97 9.40
CA SER B 185 0.66 -2.61 10.09
C SER B 185 1.96 -2.51 9.30
N ALA B 186 1.88 -2.29 7.98
CA ALA B 186 3.08 -2.31 7.15
C ALA B 186 3.85 -0.99 7.15
N SER B 187 3.24 0.10 7.61
CA SER B 187 3.91 1.40 7.52
C SER B 187 3.77 2.28 8.75
N VAL B 188 2.73 2.10 9.54
CA VAL B 188 2.51 2.94 10.73
C VAL B 188 3.65 2.69 11.72
N PRO B 189 4.12 3.71 12.43
CA PRO B 189 5.18 3.50 13.43
C PRO B 189 4.77 2.47 14.46
N SER B 190 5.73 1.67 14.89
CA SER B 190 5.48 0.54 15.78
C SER B 190 5.96 0.85 17.19
N LEU B 191 5.07 0.67 18.17
CA LEU B 191 5.41 0.91 19.56
C LEU B 191 6.53 -0.04 20.00
N LEU B 192 7.52 0.51 20.68
CA LEU B 192 8.52 -0.34 21.31
C LEU B 192 7.91 -1.10 22.47
N TYR B 193 8.47 -2.26 22.78
CA TYR B 193 7.92 -3.09 23.84
C TYR B 193 8.04 -2.37 25.18
N GLY B 194 6.94 -2.35 25.93
CA GLY B 194 6.83 -1.56 27.13
C GLY B 194 6.14 -0.22 26.93
N SER B 195 6.16 0.31 25.72
CA SER B 195 5.48 1.56 25.42
C SER B 195 4.01 1.30 25.10
N SER B 196 3.20 2.34 25.27
CA SER B 196 1.75 2.19 25.16
C SER B 196 1.15 3.40 24.46
N LYS B 197 -0.16 3.29 24.19
CA LYS B 197 -0.95 4.42 23.76
C LYS B 197 -1.29 5.30 24.96
N LEU B 198 -1.60 6.56 24.68
CA LEU B 198 -2.00 7.48 25.72
C LEU B 198 -3.34 7.05 26.31
N ASN B 199 -3.39 6.91 27.64
CA ASN B 199 -4.55 6.43 28.39
C ASN B 199 -4.87 4.97 28.10
N HIS B 200 -3.91 4.20 27.60
CA HIS B 200 -4.11 2.80 27.30
C HIS B 200 -2.98 1.97 27.90
N ARG B 201 -3.30 0.74 28.27
CA ARG B 201 -2.30 -0.13 28.86
C ARG B 201 -1.44 -0.76 27.78
N PRO B 202 -0.13 -0.93 28.03
CA PRO B 202 0.73 -1.52 27.01
C PRO B 202 0.48 -3.00 26.83
N TYR B 203 0.76 -3.48 25.62
CA TYR B 203 0.58 -4.89 25.31
C TYR B 203 1.63 -5.72 26.05
N GLN B 204 1.23 -6.92 26.47
CA GLN B 204 2.08 -7.79 27.28
C GLN B 204 2.46 -9.02 26.48
N LEU B 205 3.76 -9.33 26.46
CA LEU B 205 4.26 -10.49 25.74
C LEU B 205 3.77 -11.78 26.40
N LYS B 206 3.00 -12.57 25.66
CA LYS B 206 2.56 -13.86 26.19
C LYS B 206 3.64 -14.91 26.03
N THR B 207 4.06 -15.17 24.78
CA THR B 207 5.08 -16.17 24.53
C THR B 207 5.71 -15.90 23.18
N GLY B 208 6.94 -16.40 23.01
CA GLY B 208 7.65 -16.31 21.75
C GLY B 208 7.96 -17.67 21.19
N PHE B 209 8.21 -17.75 19.87
CA PHE B 209 8.49 -19.01 19.20
C PHE B 209 9.72 -18.86 18.32
N GLU B 210 10.51 -19.93 18.26
CA GLU B 210 11.71 -19.98 17.42
C GLU B 210 11.43 -20.90 16.23
N LEU B 211 11.55 -20.36 15.03
CA LEU B 211 11.30 -21.09 13.80
C LEU B 211 12.60 -21.25 13.04
N VAL B 212 13.04 -22.50 12.87
CA VAL B 212 14.27 -22.82 12.13
C VAL B 212 13.87 -23.34 10.77
N PHE B 213 14.30 -22.65 9.71
CA PHE B 213 13.98 -23.01 8.34
C PHE B 213 15.27 -23.26 7.56
N ASP B 214 15.33 -24.38 6.86
CA ASP B 214 16.46 -24.73 6.02
C ASP B 214 16.02 -24.81 4.57
N SER B 215 16.84 -24.24 3.68
CA SER B 215 16.50 -24.20 2.26
C SER B 215 16.50 -25.59 1.63
N ASP B 217 14.92 -28.19 2.88
CA ASP B 217 13.78 -28.91 3.44
C ASP B 217 12.58 -28.00 3.67
N PRO B 218 11.89 -27.64 2.59
CA PRO B 218 10.72 -26.75 2.73
C PRO B 218 9.51 -27.39 3.40
N ASP B 219 9.61 -28.67 3.79
CA ASP B 219 8.53 -29.35 4.49
C ASP B 219 8.80 -29.54 5.98
N TYR B 220 10.00 -29.22 6.45
CA TYR B 220 10.35 -29.33 7.86
C TYR B 220 10.45 -27.91 8.44
N ILE B 221 9.40 -27.49 9.14
CA ILE B 221 9.36 -26.18 9.78
C ILE B 221 9.14 -26.36 11.27
N PRO B 222 10.17 -26.65 12.05
CA PRO B 222 9.98 -26.84 13.50
C PRO B 222 9.77 -25.51 14.21
N ILE B 223 8.66 -25.38 14.93
CA ILE B 223 8.30 -24.19 15.67
C ILE B 223 8.18 -24.57 17.14
N HIS B 224 9.07 -24.03 17.97
CA HIS B 224 9.09 -24.32 19.39
C HIS B 224 9.13 -23.03 20.19
N GLN B 225 8.62 -23.09 21.41
CA GLN B 225 8.62 -21.92 22.29
C GLN B 225 10.04 -21.53 22.69
N ILE B 226 10.25 -20.23 22.84
CA ILE B 226 11.55 -19.72 23.26
C ILE B 226 11.70 -19.92 24.77
N LYS B 227 12.85 -20.45 25.17
CA LYS B 227 13.15 -20.69 26.58
C LYS B 227 13.96 -19.53 27.15
N ASN B 228 13.72 -19.23 28.42
CA ASN B 228 14.41 -18.16 29.15
C ASN B 228 14.23 -16.82 28.43
N ILE B 229 12.98 -16.51 28.08
CA ILE B 229 12.68 -15.26 27.38
C ILE B 229 12.96 -14.05 28.26
N GLU B 230 12.83 -14.20 29.58
CA GLU B 230 13.08 -13.09 30.49
C GLU B 230 14.57 -12.79 30.66
N SER B 231 15.44 -13.67 30.19
CA SER B 231 16.88 -13.45 30.32
C SER B 231 17.43 -12.45 29.31
N TYR B 232 16.60 -11.92 28.41
CA TYR B 232 17.04 -11.01 27.37
C TYR B 232 16.47 -9.62 27.59
N ASN B 233 17.04 -8.66 26.89
CA ASN B 233 16.52 -7.29 26.85
C ASN B 233 15.35 -7.28 25.88
N LEU B 234 14.13 -7.35 26.42
CA LEU B 234 12.95 -7.52 25.58
C LEU B 234 12.72 -6.32 24.67
N VAL B 235 13.12 -5.12 25.10
CA VAL B 235 13.00 -3.95 24.23
C VAL B 235 13.94 -4.08 23.03
N SER B 236 15.18 -4.50 23.27
CA SER B 236 16.15 -4.65 22.20
C SER B 236 15.80 -5.83 21.30
N GLU B 237 15.38 -6.95 21.88
CA GLU B 237 15.12 -8.15 21.09
C GLU B 237 13.91 -7.97 20.18
N LEU B 238 12.88 -7.28 20.66
CA LEU B 238 11.63 -7.17 19.92
C LEU B 238 11.61 -6.00 18.93
N SER B 239 12.66 -5.16 18.92
CA SER B 239 12.67 -3.99 18.06
C SER B 239 12.86 -4.39 16.60
N LEU B 240 12.01 -3.84 15.72
CA LEU B 240 12.06 -4.21 14.31
C LEU B 240 13.30 -3.66 13.61
N THR B 241 13.79 -2.50 14.04
CA THR B 241 14.92 -1.87 13.39
C THR B 241 16.27 -2.27 13.99
N ASN B 242 16.27 -2.91 15.16
CA ASN B 242 17.52 -3.30 15.78
C ASN B 242 18.18 -4.44 15.03
N GLU B 243 19.51 -4.41 14.97
CA GLU B 243 20.28 -5.49 14.38
C GLU B 243 21.36 -6.02 15.32
N GLN B 244 21.44 -5.52 16.55
CA GLN B 244 22.46 -5.92 17.50
C GLN B 244 21.90 -6.73 18.66
N GLY B 245 20.73 -7.34 18.47
CA GLY B 245 20.16 -8.15 19.53
C GLY B 245 20.94 -9.42 19.79
N SER B 246 20.87 -9.90 21.02
CA SER B 246 21.58 -11.11 21.40
C SER B 246 20.81 -12.37 20.97
N LEU B 247 19.53 -12.45 21.32
CA LEU B 247 18.71 -13.58 20.90
C LEU B 247 18.31 -13.46 19.43
N VAL B 248 17.87 -12.28 19.02
CA VAL B 248 17.36 -12.07 17.67
C VAL B 248 18.52 -11.59 16.79
N ARG B 249 18.93 -12.44 15.83
CA ARG B 249 19.90 -12.05 14.83
C ARG B 249 19.21 -11.82 13.49
N PRO B 250 19.60 -10.78 12.75
CA PRO B 250 18.84 -10.42 11.55
C PRO B 250 18.97 -11.46 10.44
N VAL B 251 17.85 -11.74 9.79
CA VAL B 251 17.83 -12.64 8.61
C VAL B 251 17.43 -11.73 7.45
N TYR B 252 18.38 -11.42 6.58
CA TYR B 252 18.13 -10.42 5.53
C TYR B 252 17.41 -11.01 4.32
N CYS B 253 16.23 -10.50 4.04
CA CYS B 253 15.49 -10.95 2.86
C CYS B 253 15.78 -10.01 1.69
MN MN C . 1.60 0.01 -18.05
MN MN D . 1.33 -1.87 -20.81
MN MN E . -3.72 -2.29 17.41
MN MN F . -5.65 -1.40 14.06
#